data_6FAF
#
_entry.id   6FAF
#
_cell.length_a   62.803
_cell.length_b   71.086
_cell.length_c   120.554
_cell.angle_alpha   90.000
_cell.angle_beta   90.000
_cell.angle_gamma   90.000
#
_symmetry.space_group_name_H-M   'P 21 21 21'
#
loop_
_entity.id
_entity.type
_entity.pdbx_description
1 polymer 'Carbonic anhydrase 1'
2 non-polymer 'ZINC ION'
3 non-polymer 1-(2,5-dimethylphenyl)-3-(2-oxidanyl-5-sulfamoyl-phenyl)urea
4 non-polymer GLYCEROL
5 water water
#
_entity_poly.entity_id   1
_entity_poly.type   'polypeptide(L)'
_entity_poly.pdbx_seq_one_letter_code
;MASPDWGYDDKNGPEQWSKLYPIANGNNQSPVDIKTSETKHDTSLKPISVSYNPATAKEIINVGHSFHVNFEDNDNRSVL
KGGPFSDSYRLFQFHFHWGSTNEHGSEHTVDGVKYSAELHVAHWNSAKYSSLAEAASKADGLAVIGVLMKVGEANPKLQK
VLDALQAIKTKGKRAPFTNFDPSTLLPSSLDFWTYPGSLTHPPLYESVTWIICKESISVSSEQLAQFRSLLSNVEGDNAV
PMQHNNRPTQPLKGRTVRASF
;
_entity_poly.pdbx_strand_id   A,B
#
loop_
_chem_comp.id
_chem_comp.type
_chem_comp.name
_chem_comp.formula
D3B non-polymer 1-(2,5-dimethylphenyl)-3-(2-oxidanyl-5-sulfamoyl-phenyl)urea 'C15 H17 N3 O4 S'
GOL non-polymer GLYCEROL 'C3 H8 O3'
ZN non-polymer 'ZINC ION' 'Zn 2'
#
# COMPACT_ATOMS: atom_id res chain seq x y z
N ASP A 5 0.72 -21.34 -30.39
CA ASP A 5 2.20 -21.38 -30.20
C ASP A 5 2.66 -20.12 -29.46
N TRP A 6 3.43 -20.33 -28.38
CA TRP A 6 3.91 -19.23 -27.51
C TRP A 6 5.38 -19.42 -27.12
N GLY A 7 6.01 -18.34 -26.66
CA GLY A 7 7.39 -18.41 -26.16
C GLY A 7 7.82 -17.24 -25.30
N TYR A 8 9.12 -16.98 -25.35
CA TYR A 8 9.75 -15.85 -24.65
C TYR A 8 10.50 -14.93 -25.64
N ASP A 9 10.25 -15.10 -26.93
CA ASP A 9 10.84 -14.25 -27.97
C ASP A 9 10.05 -12.94 -28.15
N ASP A 10 10.39 -12.20 -29.21
CA ASP A 10 9.80 -10.90 -29.51
CA ASP A 10 9.80 -10.90 -29.51
C ASP A 10 8.32 -11.01 -29.88
N LYS A 11 8.03 -11.84 -30.87
CA LYS A 11 6.67 -12.01 -31.40
C LYS A 11 5.78 -12.95 -30.58
N ASN A 12 6.36 -13.95 -29.93
CA ASN A 12 5.58 -14.93 -29.16
C ASN A 12 5.68 -14.82 -27.62
N GLY A 13 6.43 -13.82 -27.14
CA GLY A 13 6.74 -13.65 -25.70
C GLY A 13 5.61 -13.15 -24.80
N PRO A 14 5.91 -12.91 -23.49
CA PRO A 14 4.93 -12.45 -22.50
C PRO A 14 4.02 -11.32 -22.96
N GLU A 15 4.54 -10.39 -23.76
CA GLU A 15 3.77 -9.23 -24.25
C GLU A 15 2.56 -9.61 -25.12
N GLN A 16 2.74 -10.60 -25.99
CA GLN A 16 1.69 -11.05 -26.90
C GLN A 16 0.75 -12.12 -26.31
N TRP A 17 1.06 -12.61 -25.10
CA TRP A 17 0.33 -13.76 -24.51
C TRP A 17 -1.17 -13.56 -24.36
N SER A 18 -1.61 -12.32 -24.19
CA SER A 18 -3.04 -12.02 -24.03
C SER A 18 -3.86 -12.20 -25.31
N LYS A 19 -3.18 -12.18 -26.46
CA LYS A 19 -3.80 -12.41 -27.78
C LYS A 19 -4.49 -13.77 -27.82
N LEU A 20 -3.76 -14.81 -27.44
CA LEU A 20 -4.28 -16.16 -27.34
C LEU A 20 -4.86 -16.44 -25.95
N TYR A 21 -4.31 -15.80 -24.91
CA TYR A 21 -4.70 -16.07 -23.52
C TYR A 21 -5.14 -14.82 -22.74
N PRO A 22 -6.42 -14.42 -22.86
CA PRO A 22 -6.95 -13.20 -22.22
C PRO A 22 -6.90 -13.13 -20.70
N ILE A 23 -6.72 -14.28 -20.05
CA ILE A 23 -6.51 -14.34 -18.59
C ILE A 23 -5.14 -13.74 -18.17
N ALA A 24 -4.26 -13.53 -19.15
CA ALA A 24 -2.95 -12.87 -18.94
C ALA A 24 -3.08 -11.51 -18.28
N ASN A 25 -4.16 -10.79 -18.61
CA ASN A 25 -4.54 -9.53 -17.96
C ASN A 25 -5.54 -9.72 -16.82
N GLY A 26 -5.60 -10.93 -16.26
CA GLY A 26 -6.49 -11.25 -15.12
C GLY A 26 -6.10 -10.56 -13.82
N ASN A 27 -6.78 -10.94 -12.73
CA ASN A 27 -6.61 -10.30 -11.44
C ASN A 27 -5.81 -11.14 -10.46
N ASN A 28 -5.43 -12.35 -10.90
CA ASN A 28 -4.63 -13.26 -10.06
C ASN A 28 -3.45 -13.82 -10.85
N GLN A 29 -2.74 -12.93 -11.53
CA GLN A 29 -1.59 -13.30 -12.34
C GLN A 29 -0.27 -13.33 -11.55
N SER A 30 0.59 -14.28 -11.93
CA SER A 30 1.91 -14.47 -11.36
C SER A 30 2.96 -14.33 -12.46
N PRO A 31 4.19 -13.92 -12.11
CA PRO A 31 4.63 -13.66 -10.74
C PRO A 31 4.36 -12.21 -10.31
N VAL A 32 4.65 -11.92 -9.05
CA VAL A 32 4.49 -10.57 -8.48
C VAL A 32 5.74 -10.10 -7.74
N ASP A 33 5.80 -8.79 -7.52
CA ASP A 33 6.81 -8.19 -6.65
C ASP A 33 6.26 -8.24 -5.24
N ILE A 34 6.99 -8.91 -4.35
CA ILE A 34 6.63 -8.96 -2.94
C ILE A 34 7.25 -7.76 -2.22
N LYS A 35 6.37 -6.85 -1.80
CA LYS A 35 6.76 -5.65 -1.03
C LYS A 35 6.63 -5.98 0.44
N THR A 36 7.78 -6.05 1.14
CA THR A 36 7.80 -6.58 2.51
C THR A 36 7.13 -5.66 3.53
N SER A 37 7.13 -4.35 3.25
CA SER A 37 6.40 -3.37 4.10
C SER A 37 4.87 -3.50 3.95
N GLU A 38 4.44 -3.99 2.78
CA GLU A 38 3.01 -4.17 2.48
C GLU A 38 2.44 -5.57 2.79
N THR A 39 3.30 -6.51 3.19
CA THR A 39 2.84 -7.87 3.55
C THR A 39 2.14 -7.87 4.91
N LYS A 40 1.23 -8.83 5.10
CA LYS A 40 0.47 -8.95 6.34
C LYS A 40 0.80 -10.26 7.00
N HIS A 41 1.36 -10.19 8.21
CA HIS A 41 1.67 -11.38 8.99
C HIS A 41 0.40 -12.16 9.30
N ASP A 42 0.48 -13.48 9.21
CA ASP A 42 -0.65 -14.34 9.48
C ASP A 42 -0.27 -15.50 10.39
N THR A 43 -0.83 -15.42 11.59
CA THR A 43 -0.55 -16.37 12.68
C THR A 43 -1.29 -17.70 12.49
N SER A 44 -2.26 -17.74 11.58
CA SER A 44 -2.99 -18.97 11.24
C SER A 44 -2.24 -19.90 10.25
N LEU A 45 -1.20 -19.36 9.59
CA LEU A 45 -0.34 -20.15 8.70
C LEU A 45 0.43 -21.22 9.47
N LYS A 46 0.17 -22.48 9.10
CA LYS A 46 0.88 -23.64 9.65
C LYS A 46 2.29 -23.70 9.02
N PRO A 47 3.25 -24.44 9.65
CA PRO A 47 4.49 -24.67 8.88
C PRO A 47 4.27 -25.50 7.62
N ILE A 48 5.11 -25.27 6.61
CA ILE A 48 5.16 -26.07 5.40
C ILE A 48 5.73 -27.44 5.74
N SER A 49 4.99 -28.48 5.36
CA SER A 49 5.45 -29.84 5.53
C SER A 49 5.59 -30.51 4.16
N VAL A 50 6.83 -30.77 3.76
CA VAL A 50 7.07 -31.55 2.54
C VAL A 50 7.59 -32.93 2.91
N SER A 51 7.05 -33.94 2.23
CA SER A 51 7.47 -35.32 2.40
C SER A 51 7.41 -36.04 1.06
N TYR A 52 8.57 -36.09 0.42
CA TYR A 52 8.72 -36.67 -0.91
C TYR A 52 9.43 -38.01 -0.86
N ASN A 53 8.98 -38.94 -1.70
CA ASN A 53 9.61 -40.24 -1.86
C ASN A 53 10.50 -40.18 -3.11
N PRO A 54 11.83 -40.43 -2.96
CA PRO A 54 12.75 -40.33 -4.12
C PRO A 54 12.37 -41.29 -5.24
N ALA A 55 11.70 -42.40 -4.89
CA ALA A 55 11.20 -43.38 -5.86
C ALA A 55 10.12 -42.84 -6.81
N THR A 56 9.48 -41.73 -6.46
CA THR A 56 8.48 -41.10 -7.34
C THR A 56 9.09 -40.27 -8.49
N ALA A 57 10.40 -39.99 -8.45
CA ALA A 57 11.08 -39.32 -9.55
C ALA A 57 11.00 -40.19 -10.82
N LYS A 58 10.70 -39.56 -11.96
CA LYS A 58 10.33 -40.30 -13.16
C LYS A 58 11.15 -39.95 -14.41
N GLU A 59 11.09 -38.68 -14.83
CA GLU A 59 11.51 -38.30 -16.15
C GLU A 59 11.95 -36.83 -16.20
N ILE A 60 12.96 -36.55 -17.01
CA ILE A 60 13.41 -35.20 -17.35
C ILE A 60 13.14 -34.97 -18.83
N ILE A 61 12.50 -33.84 -19.14
CA ILE A 61 12.00 -33.57 -20.49
CA ILE A 61 12.04 -33.58 -20.48
C ILE A 61 12.39 -32.15 -20.92
N ASN A 62 12.86 -32.04 -22.16
CA ASN A 62 13.13 -30.75 -22.76
C ASN A 62 11.87 -30.32 -23.47
N VAL A 63 11.20 -29.31 -22.90
CA VAL A 63 9.91 -28.80 -23.42
C VAL A 63 10.04 -27.62 -24.37
N GLY A 64 11.25 -27.37 -24.88
CA GLY A 64 11.46 -26.28 -25.84
C GLY A 64 11.70 -24.91 -25.19
N HIS A 65 10.78 -24.48 -24.34
CA HIS A 65 10.95 -23.22 -23.57
C HIS A 65 11.68 -23.42 -22.24
N SER A 66 11.75 -24.67 -21.77
CA SER A 66 12.36 -25.02 -20.48
C SER A 66 12.64 -26.52 -20.42
N PHE A 67 12.92 -27.03 -19.22
CA PHE A 67 12.96 -28.46 -18.99
C PHE A 67 12.22 -28.78 -17.71
N HIS A 68 11.57 -29.95 -17.70
CA HIS A 68 10.76 -30.36 -16.56
C HIS A 68 11.27 -31.65 -15.99
N VAL A 69 11.24 -31.76 -14.67
CA VAL A 69 11.51 -33.01 -14.01
C VAL A 69 10.18 -33.49 -13.41
N ASN A 70 9.63 -34.55 -14.01
CA ASN A 70 8.31 -35.01 -13.64
C ASN A 70 8.37 -36.20 -12.70
N PHE A 71 7.29 -36.34 -11.95
CA PHE A 71 7.16 -37.29 -10.87
C PHE A 71 5.90 -38.11 -11.05
N GLU A 72 6.00 -39.41 -10.74
CA GLU A 72 4.86 -40.31 -10.66
C GLU A 72 3.88 -39.77 -9.61
N ASP A 73 2.65 -39.51 -10.05
CA ASP A 73 1.62 -38.91 -9.19
C ASP A 73 0.33 -39.76 -9.07
N ASN A 74 0.49 -41.08 -9.01
CA ASN A 74 -0.65 -41.99 -8.87
C ASN A 74 -1.13 -42.14 -7.43
N ASP A 75 -0.23 -41.89 -6.48
CA ASP A 75 -0.57 -42.01 -5.05
C ASP A 75 0.03 -40.87 -4.22
N ASN A 76 -0.12 -40.94 -2.91
CA ASN A 76 0.35 -39.89 -2.02
C ASN A 76 1.72 -40.14 -1.37
N ARG A 77 2.63 -40.74 -2.13
CA ARG A 77 4.00 -40.98 -1.67
C ARG A 77 4.80 -39.69 -1.50
N SER A 78 4.52 -38.70 -2.34
CA SER A 78 5.21 -37.41 -2.31
C SER A 78 4.21 -36.26 -2.19
N VAL A 79 4.14 -35.71 -0.99
CA VAL A 79 3.10 -34.75 -0.64
C VAL A 79 3.62 -33.45 -0.02
N LEU A 80 2.86 -32.39 -0.27
CA LEU A 80 2.95 -31.15 0.48
C LEU A 80 1.72 -30.99 1.37
N LYS A 81 1.95 -30.62 2.64
CA LYS A 81 0.88 -30.21 3.56
C LYS A 81 1.27 -29.00 4.45
N GLY A 82 0.32 -28.52 5.25
CA GLY A 82 0.57 -27.37 6.13
C GLY A 82 0.42 -26.07 5.37
N GLY A 83 1.15 -25.03 5.82
CA GLY A 83 1.06 -23.69 5.22
C GLY A 83 -0.36 -23.16 5.32
N PRO A 84 -0.93 -22.71 4.19
CA PRO A 84 -2.31 -22.25 4.18
C PRO A 84 -3.31 -23.31 3.70
N PHE A 85 -2.90 -24.58 3.69
CA PHE A 85 -3.75 -25.66 3.18
C PHE A 85 -4.26 -26.58 4.26
N SER A 86 -5.54 -26.94 4.15
CA SER A 86 -6.11 -28.02 4.94
C SER A 86 -6.03 -29.33 4.15
N ASP A 87 -5.96 -29.20 2.82
CA ASP A 87 -5.82 -30.33 1.90
C ASP A 87 -4.36 -30.76 1.76
N SER A 88 -4.15 -32.00 1.34
CA SER A 88 -2.83 -32.50 1.00
C SER A 88 -2.63 -32.39 -0.53
N TYR A 89 -1.43 -31.97 -0.94
CA TYR A 89 -1.14 -31.75 -2.36
C TYR A 89 -0.02 -32.65 -2.82
N ARG A 90 -0.19 -33.19 -4.02
CA ARG A 90 0.69 -34.24 -4.52
C ARG A 90 1.71 -33.66 -5.50
N LEU A 91 2.99 -33.90 -5.20
CA LEU A 91 4.12 -33.52 -6.06
C LEU A 91 3.98 -34.10 -7.45
N PHE A 92 4.04 -33.24 -8.47
CA PHE A 92 4.11 -33.76 -9.83
C PHE A 92 5.34 -33.36 -10.65
N GLN A 93 5.95 -32.23 -10.31
CA GLN A 93 7.01 -31.64 -11.12
C GLN A 93 7.86 -30.63 -10.38
N PHE A 94 9.12 -30.50 -10.82
CA PHE A 94 9.87 -29.28 -10.60
C PHE A 94 10.56 -28.82 -11.88
N HIS A 95 10.80 -27.52 -11.96
CA HIS A 95 11.54 -26.90 -13.07
C HIS A 95 12.17 -25.57 -12.59
N PHE A 96 12.88 -24.89 -13.50
CA PHE A 96 13.53 -23.63 -13.20
C PHE A 96 13.14 -22.55 -14.20
N HIS A 97 13.31 -21.29 -13.80
CA HIS A 97 13.31 -20.15 -14.71
C HIS A 97 14.65 -19.43 -14.58
N TRP A 98 15.14 -18.89 -15.68
CA TRP A 98 16.39 -18.10 -15.65
C TRP A 98 16.30 -16.94 -16.65
N GLY A 99 17.36 -16.14 -16.69
CA GLY A 99 17.41 -14.94 -17.53
C GLY A 99 18.62 -14.98 -18.47
N SER A 100 18.70 -13.97 -19.34
CA SER A 100 19.76 -13.82 -20.35
C SER A 100 21.12 -13.57 -19.71
N THR A 101 21.11 -12.84 -18.60
CA THR A 101 22.31 -12.52 -17.82
C THR A 101 22.04 -12.87 -16.36
N ASN A 102 23.09 -12.84 -15.54
CA ASN A 102 22.97 -12.99 -14.08
C ASN A 102 22.10 -11.93 -13.38
N GLU A 103 21.94 -10.76 -14.00
CA GLU A 103 21.23 -9.61 -13.42
C GLU A 103 19.74 -9.86 -13.15
N HIS A 104 19.12 -10.63 -14.03
CA HIS A 104 17.71 -11.02 -13.90
C HIS A 104 17.59 -12.53 -14.08
N GLY A 105 16.39 -13.07 -13.95
CA GLY A 105 16.21 -14.50 -14.13
C GLY A 105 15.14 -15.13 -13.28
N SER A 106 14.94 -14.57 -12.08
CA SER A 106 13.83 -14.99 -11.23
C SER A 106 12.52 -14.45 -11.80
N GLU A 107 11.42 -15.05 -11.38
CA GLU A 107 10.12 -14.58 -11.80
C GLU A 107 9.58 -13.70 -10.72
N HIS A 108 9.57 -14.22 -9.49
CA HIS A 108 9.22 -13.38 -8.37
C HIS A 108 10.38 -12.44 -8.04
N THR A 109 10.03 -11.28 -7.50
CA THR A 109 11.00 -10.28 -7.04
C THR A 109 10.59 -9.90 -5.61
N VAL A 110 11.56 -9.53 -4.78
CA VAL A 110 11.28 -9.10 -3.40
C VAL A 110 11.82 -7.68 -3.22
N ASP A 111 10.92 -6.74 -2.91
CA ASP A 111 11.21 -5.29 -2.83
C ASP A 111 11.99 -4.80 -4.05
N GLY A 112 11.50 -5.15 -5.23
CA GLY A 112 12.11 -4.77 -6.52
C GLY A 112 13.41 -5.49 -6.89
N VAL A 113 13.93 -6.35 -6.02
CA VAL A 113 15.18 -7.07 -6.27
C VAL A 113 14.95 -8.34 -7.11
N LYS A 114 15.58 -8.37 -8.27
CA LYS A 114 15.62 -9.54 -9.17
C LYS A 114 16.73 -10.51 -8.77
N TYR A 115 16.41 -11.80 -8.73
CA TYR A 115 17.43 -12.82 -8.52
C TYR A 115 17.81 -13.48 -9.84
N SER A 116 18.76 -14.42 -9.82
CA SER A 116 19.31 -14.98 -11.07
C SER A 116 18.49 -16.10 -11.69
N ALA A 117 17.78 -16.81 -10.83
CA ALA A 117 16.95 -17.94 -11.22
C ALA A 117 15.90 -18.19 -10.14
N GLU A 118 14.97 -19.10 -10.44
CA GLU A 118 13.90 -19.45 -9.53
C GLU A 118 13.52 -20.91 -9.71
N LEU A 119 13.50 -21.65 -8.59
CA LEU A 119 13.04 -23.04 -8.57
C LEU A 119 11.54 -23.09 -8.28
N HIS A 120 10.79 -23.80 -9.13
CA HIS A 120 9.37 -24.06 -8.87
C HIS A 120 9.17 -25.54 -8.61
N VAL A 121 8.59 -25.86 -7.45
CA VAL A 121 8.23 -27.24 -7.10
C VAL A 121 6.69 -27.32 -7.05
N ALA A 122 6.10 -28.01 -8.01
CA ALA A 122 4.64 -27.95 -8.26
C ALA A 122 3.87 -29.20 -7.80
N HIS A 123 2.68 -28.95 -7.26
CA HIS A 123 1.84 -29.98 -6.65
C HIS A 123 0.40 -29.74 -7.09
N TRP A 124 -0.41 -30.81 -7.04
CA TRP A 124 -1.84 -30.72 -7.34
C TRP A 124 -2.70 -31.32 -6.23
N ASN A 125 -3.87 -30.72 -6.03
CA ASN A 125 -4.83 -31.10 -4.97
C ASN A 125 -5.45 -32.51 -5.16
N SER A 126 -4.82 -33.53 -4.59
CA SER A 126 -5.30 -34.91 -4.72
C SER A 126 -6.41 -35.24 -3.72
N ALA A 127 -6.62 -34.37 -2.73
CA ALA A 127 -7.73 -34.49 -1.79
C ALA A 127 -9.08 -34.16 -2.42
N LYS A 128 -9.09 -33.16 -3.32
CA LYS A 128 -10.33 -32.69 -3.96
C LYS A 128 -10.49 -33.18 -5.39
N TYR A 129 -9.37 -33.40 -6.08
CA TYR A 129 -9.41 -33.78 -7.49
C TYR A 129 -8.75 -35.13 -7.75
N SER A 130 -8.95 -35.63 -8.96
CA SER A 130 -8.57 -37.01 -9.32
C SER A 130 -7.37 -37.06 -10.22
N SER A 131 -7.09 -35.95 -10.91
CA SER A 131 -5.95 -35.86 -11.82
C SER A 131 -5.41 -34.43 -11.86
N LEU A 132 -4.18 -34.31 -12.37
CA LEU A 132 -3.57 -33.02 -12.71
C LEU A 132 -4.42 -32.24 -13.72
N ALA A 133 -4.91 -32.93 -14.75
CA ALA A 133 -5.70 -32.29 -15.80
C ALA A 133 -6.96 -31.66 -15.22
N GLU A 134 -7.59 -32.34 -14.26
CA GLU A 134 -8.74 -31.81 -13.56
C GLU A 134 -8.37 -30.66 -12.61
N ALA A 135 -7.30 -30.84 -11.83
CA ALA A 135 -6.85 -29.86 -10.84
C ALA A 135 -6.33 -28.56 -11.48
N ALA A 136 -5.65 -28.70 -12.62
CA ALA A 136 -4.82 -27.63 -13.20
C ALA A 136 -5.55 -26.29 -13.38
N SER A 137 -6.87 -26.34 -13.55
CA SER A 137 -7.67 -25.13 -13.85
C SER A 137 -8.65 -24.75 -12.72
N LYS A 138 -8.53 -25.41 -11.57
CA LYS A 138 -9.36 -25.15 -10.40
C LYS A 138 -8.68 -24.13 -9.50
N ALA A 139 -9.45 -23.20 -8.93
CA ALA A 139 -8.89 -22.14 -8.07
C ALA A 139 -7.97 -22.66 -6.96
N ASP A 140 -8.33 -23.80 -6.38
CA ASP A 140 -7.52 -24.47 -5.34
C ASP A 140 -6.77 -25.71 -5.85
N GLY A 141 -6.61 -25.79 -7.17
CA GLY A 141 -6.01 -26.94 -7.84
C GLY A 141 -4.52 -27.16 -7.63
N LEU A 142 -3.74 -26.06 -7.68
CA LEU A 142 -2.28 -26.16 -7.69
C LEU A 142 -1.60 -25.45 -6.53
N ALA A 143 -0.53 -26.08 -6.03
CA ALA A 143 0.35 -25.46 -5.05
C ALA A 143 1.79 -25.50 -5.58
N VAL A 144 2.38 -24.32 -5.74
CA VAL A 144 3.78 -24.19 -6.18
C VAL A 144 4.68 -23.50 -5.13
N ILE A 145 5.73 -24.22 -4.71
CA ILE A 145 6.82 -23.66 -3.89
C ILE A 145 7.80 -22.93 -4.83
N GLY A 146 8.00 -21.65 -4.59
CA GLY A 146 9.00 -20.86 -5.34
C GLY A 146 10.21 -20.55 -4.46
N VAL A 147 11.41 -20.85 -4.96
CA VAL A 147 12.66 -20.57 -4.25
C VAL A 147 13.51 -19.69 -5.13
N LEU A 148 13.84 -18.50 -4.63
CA LEU A 148 14.72 -17.58 -5.35
C LEU A 148 16.15 -18.09 -5.31
N MET A 149 16.84 -17.93 -6.44
CA MET A 149 18.20 -18.44 -6.61
C MET A 149 19.15 -17.28 -6.85
N LYS A 150 20.09 -17.14 -5.93
CA LYS A 150 21.04 -16.02 -5.95
C LYS A 150 22.39 -16.49 -6.46
N VAL A 151 22.92 -15.80 -7.45
CA VAL A 151 24.24 -16.12 -7.99
C VAL A 151 25.31 -15.99 -6.90
N GLY A 152 26.12 -17.04 -6.76
CA GLY A 152 27.18 -17.12 -5.76
C GLY A 152 27.90 -18.44 -5.91
N GLU A 153 28.04 -19.16 -4.80
CA GLU A 153 28.69 -20.47 -4.78
C GLU A 153 27.93 -21.54 -5.56
N ALA A 154 28.68 -22.51 -6.11
CA ALA A 154 28.11 -23.65 -6.80
C ALA A 154 27.22 -24.43 -5.86
N ASN A 155 26.01 -24.70 -6.31
CA ASN A 155 25.05 -25.48 -5.55
C ASN A 155 25.28 -26.95 -5.88
N PRO A 156 25.81 -27.73 -4.91
CA PRO A 156 26.10 -29.14 -5.20
C PRO A 156 24.83 -29.97 -5.38
N LYS A 157 23.76 -29.63 -4.64
CA LYS A 157 22.48 -30.34 -4.70
C LYS A 157 21.84 -30.27 -6.08
N LEU A 158 22.18 -29.21 -6.83
CA LEU A 158 21.78 -29.03 -8.22
C LEU A 158 22.42 -30.00 -9.21
N GLN A 159 23.40 -30.79 -8.75
CA GLN A 159 24.30 -31.58 -9.62
C GLN A 159 23.64 -32.61 -10.50
N LYS A 160 22.83 -33.49 -9.89
CA LYS A 160 22.14 -34.57 -10.60
C LYS A 160 21.24 -34.02 -11.71
N VAL A 161 20.68 -32.83 -11.48
CA VAL A 161 19.81 -32.17 -12.45
C VAL A 161 20.64 -31.71 -13.64
N LEU A 162 21.73 -31.00 -13.35
CA LEU A 162 22.59 -30.44 -14.40
C LEU A 162 23.29 -31.51 -15.25
N ASP A 163 23.72 -32.59 -14.58
CA ASP A 163 24.30 -33.76 -15.24
C ASP A 163 23.35 -34.40 -16.26
N ALA A 164 22.06 -34.44 -15.92
CA ALA A 164 21.04 -35.09 -16.74
C ALA A 164 20.71 -34.30 -18.00
N LEU A 165 21.08 -33.02 -18.03
CA LEU A 165 20.75 -32.15 -19.18
C LEU A 165 21.46 -32.56 -20.48
N GLN A 166 22.59 -33.28 -20.36
CA GLN A 166 23.35 -33.80 -21.51
C GLN A 166 22.53 -34.79 -22.37
N ALA A 167 21.61 -35.51 -21.73
CA ALA A 167 20.73 -36.47 -22.39
C ALA A 167 19.50 -35.86 -23.06
N ILE A 168 19.19 -34.62 -22.71
CA ILE A 168 17.96 -33.98 -23.22
C ILE A 168 18.23 -32.61 -23.83
N LYS A 169 19.26 -32.54 -24.67
CA LYS A 169 19.81 -31.25 -25.13
C LYS A 169 18.91 -30.45 -26.07
N THR A 170 18.08 -31.14 -26.84
CA THR A 170 17.23 -30.51 -27.88
C THR A 170 15.74 -30.75 -27.61
N LYS A 171 14.88 -29.89 -28.19
CA LYS A 171 13.42 -29.94 -27.97
C LYS A 171 12.80 -31.33 -28.13
N GLY A 172 11.93 -31.69 -27.18
CA GLY A 172 11.21 -32.95 -27.23
C GLY A 172 11.98 -34.14 -26.71
N LYS A 173 13.30 -34.02 -26.53
CA LYS A 173 14.09 -35.12 -25.96
C LYS A 173 13.74 -35.32 -24.50
N ARG A 174 13.75 -36.58 -24.09
CA ARG A 174 13.37 -36.99 -22.75
C ARG A 174 14.14 -38.21 -22.29
N ALA A 175 14.32 -38.34 -20.98
CA ALA A 175 15.11 -39.43 -20.39
C ALA A 175 14.62 -39.76 -19.00
N PRO A 176 14.79 -41.03 -18.56
CA PRO A 176 14.45 -41.37 -17.18
C PRO A 176 15.30 -40.60 -16.16
N PHE A 177 14.68 -40.25 -15.04
CA PHE A 177 15.33 -39.46 -14.01
C PHE A 177 14.74 -39.96 -12.71
N THR A 178 15.50 -40.81 -12.01
CA THR A 178 14.96 -41.62 -10.93
C THR A 178 15.69 -41.37 -9.63
N ASN A 179 15.06 -41.75 -8.52
CA ASN A 179 15.69 -41.76 -7.20
C ASN A 179 16.24 -40.39 -6.78
N PHE A 180 15.38 -39.37 -6.88
CA PHE A 180 15.71 -38.00 -6.51
C PHE A 180 14.62 -37.42 -5.61
N ASP A 181 15.04 -36.91 -4.45
CA ASP A 181 14.17 -36.19 -3.53
C ASP A 181 14.45 -34.69 -3.72
N PRO A 182 13.48 -33.94 -4.31
CA PRO A 182 13.72 -32.52 -4.58
C PRO A 182 13.61 -31.58 -3.36
N SER A 183 13.23 -32.10 -2.19
CA SER A 183 13.29 -31.29 -0.97
C SER A 183 14.75 -30.98 -0.54
N THR A 184 15.70 -31.74 -1.10
CA THR A 184 17.13 -31.46 -0.97
C THR A 184 17.57 -30.16 -1.66
N LEU A 185 16.74 -29.64 -2.56
CA LEU A 185 16.99 -28.36 -3.23
C LEU A 185 16.41 -27.19 -2.46
N LEU A 186 15.55 -27.48 -1.47
CA LEU A 186 14.85 -26.45 -0.71
C LEU A 186 15.75 -25.83 0.36
N PRO A 187 15.54 -24.53 0.69
CA PRO A 187 16.38 -23.92 1.73
C PRO A 187 16.04 -24.45 3.12
N SER A 188 17.00 -24.36 4.04
CA SER A 188 16.88 -24.90 5.41
C SER A 188 15.74 -24.28 6.25
N SER A 189 15.56 -22.97 6.13
CA SER A 189 14.40 -22.31 6.70
C SER A 189 13.29 -22.34 5.65
N LEU A 190 12.09 -22.77 6.08
CA LEU A 190 10.94 -22.75 5.18
C LEU A 190 9.92 -21.64 5.48
N ASP A 191 10.40 -20.57 6.13
CA ASP A 191 9.67 -19.29 6.27
C ASP A 191 9.24 -18.81 4.89
N PHE A 192 8.00 -18.35 4.77
CA PHE A 192 7.42 -18.14 3.45
C PHE A 192 6.41 -17.02 3.34
N TRP A 193 6.27 -16.51 2.12
CA TRP A 193 5.14 -15.69 1.70
C TRP A 193 4.14 -16.57 0.93
N THR A 194 2.86 -16.19 0.97
CA THR A 194 1.80 -16.88 0.26
C THR A 194 0.74 -15.91 -0.28
N TYR A 195 0.28 -16.17 -1.49
CA TYR A 195 -0.73 -15.35 -2.16
C TYR A 195 -1.43 -16.15 -3.26
N PRO A 196 -2.69 -15.76 -3.59
CA PRO A 196 -3.38 -16.39 -4.73
C PRO A 196 -2.85 -15.91 -6.07
N GLY A 197 -2.45 -16.86 -6.91
CA GLY A 197 -1.86 -16.54 -8.19
C GLY A 197 -2.13 -17.56 -9.29
N SER A 198 -1.24 -17.58 -10.27
CA SER A 198 -1.44 -18.33 -11.49
C SER A 198 -0.20 -19.08 -11.94
N LEU A 199 -0.37 -19.88 -12.98
CA LEU A 199 0.73 -20.33 -13.81
C LEU A 199 1.40 -19.12 -14.44
N THR A 200 2.72 -19.16 -14.53
CA THR A 200 3.51 -18.02 -15.01
C THR A 200 3.73 -18.02 -16.53
N HIS A 201 3.22 -19.05 -17.19
CA HIS A 201 3.21 -19.15 -18.64
C HIS A 201 1.91 -19.83 -19.13
N PRO A 202 1.55 -19.68 -20.42
CA PRO A 202 0.33 -20.30 -20.98
C PRO A 202 0.18 -21.75 -20.53
N PRO A 203 -1.02 -22.16 -20.11
CA PRO A 203 -2.28 -21.41 -20.29
C PRO A 203 -2.67 -20.41 -19.18
N LEU A 204 -1.77 -20.17 -18.22
CA LEU A 204 -1.89 -19.05 -17.25
C LEU A 204 -3.08 -19.14 -16.29
N TYR A 205 -3.58 -20.35 -16.03
CA TYR A 205 -4.73 -20.59 -15.14
C TYR A 205 -4.48 -20.03 -13.74
N GLU A 206 -5.52 -19.43 -13.17
CA GLU A 206 -5.45 -18.82 -11.85
C GLU A 206 -5.77 -19.88 -10.81
N SER A 207 -4.89 -20.87 -10.75
CA SER A 207 -5.11 -22.08 -9.98
C SER A 207 -4.07 -22.30 -8.91
N VAL A 208 -3.14 -21.34 -8.76
CA VAL A 208 -1.95 -21.56 -7.93
C VAL A 208 -2.00 -20.74 -6.65
N THR A 209 -1.89 -21.47 -5.54
CA THR A 209 -1.49 -20.87 -4.28
C THR A 209 0.04 -20.92 -4.27
N TRP A 210 0.67 -19.76 -4.40
CA TRP A 210 2.14 -19.65 -4.30
C TRP A 210 2.68 -19.70 -2.87
N ILE A 211 3.77 -20.45 -2.70
CA ILE A 211 4.54 -20.49 -1.47
C ILE A 211 5.96 -20.01 -1.83
N ILE A 212 6.32 -18.81 -1.39
CA ILE A 212 7.61 -18.22 -1.74
C ILE A 212 8.49 -18.26 -0.51
N CYS A 213 9.61 -18.99 -0.60
CA CYS A 213 10.56 -19.06 0.52
C CYS A 213 11.26 -17.72 0.73
N LYS A 214 11.44 -17.39 2.00
CA LYS A 214 12.16 -16.19 2.44
C LYS A 214 13.66 -16.38 2.09
N GLU A 215 14.18 -17.56 2.40
CA GLU A 215 15.58 -17.85 2.26
C GLU A 215 15.83 -18.30 0.82
N SER A 216 16.84 -17.70 0.17
CA SER A 216 17.23 -18.09 -1.17
C SER A 216 18.16 -19.32 -1.14
N ILE A 217 18.38 -19.92 -2.30
CA ILE A 217 19.44 -20.93 -2.47
C ILE A 217 20.50 -20.39 -3.45
N SER A 218 21.70 -20.98 -3.39
CA SER A 218 22.79 -20.53 -4.26
CA SER A 218 22.82 -20.56 -4.25
C SER A 218 22.75 -21.21 -5.63
N VAL A 219 23.46 -20.60 -6.58
CA VAL A 219 23.67 -21.13 -7.92
C VAL A 219 24.89 -20.36 -8.42
N SER A 220 25.78 -21.04 -9.14
CA SER A 220 26.95 -20.37 -9.68
C SER A 220 26.63 -19.83 -11.06
N SER A 221 27.46 -18.89 -11.51
CA SER A 221 27.35 -18.32 -12.85
CA SER A 221 27.31 -18.33 -12.86
C SER A 221 27.53 -19.38 -13.96
N GLU A 222 28.27 -20.44 -13.64
CA GLU A 222 28.53 -21.56 -14.58
C GLU A 222 27.37 -22.57 -14.61
N GLN A 223 26.75 -22.79 -13.44
CA GLN A 223 25.51 -23.57 -13.35
C GLN A 223 24.35 -22.92 -14.13
N LEU A 224 24.30 -21.60 -14.11
CA LEU A 224 23.34 -20.86 -14.94
C LEU A 224 23.62 -21.01 -16.44
N ALA A 225 24.90 -21.07 -16.82
CA ALA A 225 25.27 -21.24 -18.23
C ALA A 225 24.86 -22.62 -18.77
N GLN A 226 24.88 -23.63 -17.90
CA GLN A 226 24.33 -24.95 -18.21
C GLN A 226 22.84 -24.89 -18.54
N PHE A 227 22.05 -24.12 -17.78
CA PHE A 227 20.62 -23.91 -18.11
C PHE A 227 20.48 -23.29 -19.49
N ARG A 228 21.21 -22.20 -19.72
CA ARG A 228 21.17 -21.47 -20.98
C ARG A 228 21.77 -22.27 -22.14
N SER A 229 22.52 -23.33 -21.80
CA SER A 229 23.12 -24.24 -22.79
C SER A 229 22.10 -25.12 -23.52
N LEU A 230 20.99 -25.43 -22.84
CA LEU A 230 19.90 -26.19 -23.46
C LEU A 230 19.37 -25.54 -24.72
N LEU A 231 18.95 -26.38 -25.66
CA LEU A 231 18.50 -25.87 -26.94
C LEU A 231 16.98 -25.97 -27.11
N SER A 232 16.40 -24.92 -27.70
CA SER A 232 14.97 -24.85 -27.99
C SER A 232 14.58 -25.52 -29.32
N ASN A 233 15.58 -25.84 -30.14
CA ASN A 233 15.40 -26.48 -31.46
C ASN A 233 15.37 -28.01 -31.35
N VAL A 234 14.87 -28.66 -32.39
CA VAL A 234 14.88 -30.13 -32.46
C VAL A 234 16.25 -30.59 -32.96
N GLU A 235 16.63 -31.82 -32.62
CA GLU A 235 17.90 -32.42 -33.07
C GLU A 235 18.06 -32.31 -34.59
N GLY A 236 19.25 -31.88 -35.02
CA GLY A 236 19.54 -31.74 -36.44
C GLY A 236 19.40 -30.32 -36.95
N ASP A 237 18.54 -29.53 -36.31
CA ASP A 237 18.43 -28.10 -36.61
C ASP A 237 19.59 -27.32 -35.97
N ASN A 238 19.85 -26.11 -36.49
CA ASN A 238 20.92 -25.28 -35.93
C ASN A 238 20.53 -24.76 -34.55
N ALA A 239 21.54 -24.65 -33.68
CA ALA A 239 21.36 -24.39 -32.26
C ALA A 239 20.68 -23.05 -31.95
N VAL A 240 19.60 -23.13 -31.17
CA VAL A 240 18.92 -21.94 -30.60
C VAL A 240 18.89 -22.15 -29.07
N PRO A 241 19.89 -21.56 -28.35
CA PRO A 241 19.94 -21.68 -26.88
C PRO A 241 18.70 -21.14 -26.17
N MET A 242 18.33 -21.81 -25.08
CA MET A 242 17.29 -21.33 -24.16
C MET A 242 17.87 -20.26 -23.25
N GLN A 243 17.97 -19.03 -23.75
CA GLN A 243 18.58 -17.93 -23.00
C GLN A 243 17.81 -17.51 -21.76
N HIS A 244 16.49 -17.36 -21.89
CA HIS A 244 15.63 -16.93 -20.77
C HIS A 244 14.19 -17.42 -20.89
N ASN A 245 13.55 -17.56 -19.73
CA ASN A 245 12.19 -18.08 -19.67
C ASN A 245 11.42 -17.54 -18.46
N ASN A 246 11.72 -16.30 -18.06
CA ASN A 246 11.02 -15.66 -16.94
C ASN A 246 10.01 -14.61 -17.39
N ARG A 247 8.83 -14.66 -16.79
CA ARG A 247 7.79 -13.68 -17.08
C ARG A 247 8.00 -12.44 -16.20
N PRO A 248 7.75 -11.23 -16.76
CA PRO A 248 7.82 -10.01 -15.92
C PRO A 248 6.76 -10.04 -14.83
N THR A 249 7.01 -9.34 -13.72
CA THR A 249 6.06 -9.29 -12.60
C THR A 249 4.74 -8.60 -12.97
N GLN A 250 3.67 -9.00 -12.30
CA GLN A 250 2.32 -8.62 -12.65
C GLN A 250 1.66 -7.82 -11.54
N PRO A 251 0.75 -6.87 -11.89
CA PRO A 251 0.07 -6.06 -10.87
C PRO A 251 -0.71 -6.92 -9.87
N LEU A 252 -0.56 -6.61 -8.59
CA LEU A 252 -1.20 -7.36 -7.52
C LEU A 252 -2.74 -7.24 -7.53
N LYS A 253 -3.26 -6.19 -8.14
CA LYS A 253 -4.71 -5.94 -8.26
C LYS A 253 -5.44 -6.17 -6.93
N GLY A 254 -4.92 -5.54 -5.88
CA GLY A 254 -5.53 -5.58 -4.57
C GLY A 254 -5.43 -6.89 -3.81
N ARG A 255 -4.74 -7.87 -4.37
CA ARG A 255 -4.40 -9.10 -3.64
C ARG A 255 -3.50 -8.80 -2.45
N THR A 256 -3.53 -9.67 -1.46
CA THR A 256 -2.71 -9.47 -0.28
C THR A 256 -1.72 -10.64 -0.06
N VAL A 257 -0.44 -10.29 0.03
CA VAL A 257 0.63 -11.26 0.25
C VAL A 257 0.77 -11.48 1.75
N ARG A 258 0.65 -12.73 2.17
CA ARG A 258 0.76 -13.05 3.59
C ARG A 258 2.12 -13.62 3.92
N ALA A 259 2.65 -13.25 5.08
CA ALA A 259 3.95 -13.74 5.53
C ALA A 259 3.72 -14.68 6.69
N SER A 260 4.50 -15.76 6.74
CA SER A 260 4.44 -16.72 7.84
C SER A 260 5.37 -16.36 9.01
N PHE A 261 6.04 -15.22 8.87
CA PHE A 261 7.15 -14.84 9.74
C PHE A 261 7.06 -13.35 10.08
N ASP B 5 -11.91 25.95 -10.58
CA ASP B 5 -13.22 25.65 -9.92
C ASP B 5 -13.36 26.51 -8.66
N TRP B 6 -12.54 26.19 -7.66
CA TRP B 6 -12.29 27.05 -6.50
C TRP B 6 -10.89 26.79 -5.96
N GLY B 7 -10.18 27.86 -5.60
CA GLY B 7 -8.83 27.77 -5.08
C GLY B 7 -8.49 28.90 -4.11
N TYR B 8 -7.22 29.31 -4.11
CA TYR B 8 -6.76 30.42 -3.26
C TYR B 8 -6.06 31.53 -4.07
N ASP B 9 -5.91 31.33 -5.38
CA ASP B 9 -5.34 32.33 -6.32
C ASP B 9 -6.26 33.54 -6.49
N ASP B 10 -5.80 34.55 -7.23
CA ASP B 10 -6.59 35.77 -7.51
C ASP B 10 -7.79 35.50 -8.41
N LYS B 11 -7.70 34.43 -9.22
CA LYS B 11 -8.75 34.04 -10.14
C LYS B 11 -9.87 33.18 -9.53
N ASN B 12 -9.52 32.36 -8.53
CA ASN B 12 -10.47 31.41 -7.91
C ASN B 12 -10.57 31.42 -6.37
N GLY B 13 -9.88 32.38 -5.73
CA GLY B 13 -9.78 32.47 -4.26
C GLY B 13 -10.96 33.05 -3.49
N PRO B 14 -10.77 33.29 -2.17
CA PRO B 14 -11.79 33.73 -1.21
C PRO B 14 -12.66 34.93 -1.60
N GLU B 15 -12.08 35.91 -2.30
CA GLU B 15 -12.83 37.09 -2.74
C GLU B 15 -13.89 36.73 -3.81
N GLN B 16 -13.62 35.70 -4.61
CA GLN B 16 -14.56 35.27 -5.66
C GLN B 16 -15.34 33.96 -5.38
N TRP B 17 -15.36 33.53 -4.11
CA TRP B 17 -16.10 32.31 -3.69
C TRP B 17 -17.65 32.43 -3.64
N SER B 18 -18.15 33.63 -3.31
CA SER B 18 -19.60 33.85 -3.16
C SER B 18 -20.40 33.76 -4.47
N LYS B 19 -19.69 33.76 -5.60
CA LYS B 19 -20.28 33.54 -6.93
C LYS B 19 -20.86 32.13 -7.05
N LEU B 20 -20.08 31.14 -6.64
CA LEU B 20 -20.50 29.73 -6.67
C LEU B 20 -21.11 29.27 -5.34
N TYR B 21 -20.66 29.91 -4.25
CA TYR B 21 -21.11 29.56 -2.89
C TYR B 21 -21.55 30.81 -2.14
N PRO B 22 -22.77 31.32 -2.43
CA PRO B 22 -23.34 32.52 -1.78
C PRO B 22 -23.29 32.54 -0.25
N ILE B 23 -23.22 31.36 0.39
CA ILE B 23 -23.07 31.25 1.86
C ILE B 23 -21.80 31.97 2.36
N ALA B 24 -20.82 32.15 1.48
CA ALA B 24 -19.57 32.86 1.77
C ALA B 24 -19.76 34.23 2.45
N ASN B 25 -20.87 34.90 2.13
CA ASN B 25 -21.25 36.15 2.78
C ASN B 25 -22.41 35.90 3.74
N GLY B 26 -22.35 34.77 4.44
CA GLY B 26 -23.34 34.43 5.46
C GLY B 26 -22.98 35.06 6.79
N ASN B 27 -23.77 34.72 7.81
CA ASN B 27 -23.67 35.37 9.13
C ASN B 27 -22.94 34.53 10.17
N ASN B 28 -22.46 33.35 9.77
CA ASN B 28 -21.70 32.45 10.63
C ASN B 28 -20.45 31.93 9.92
N GLN B 29 -19.75 32.81 9.22
CA GLN B 29 -18.58 32.42 8.42
C GLN B 29 -17.28 32.36 9.23
N SER B 30 -16.36 31.56 8.72
CA SER B 30 -15.07 31.30 9.39
C SER B 30 -13.92 31.40 8.39
N PRO B 31 -12.72 31.76 8.85
CA PRO B 31 -12.36 31.97 10.26
C PRO B 31 -12.67 33.39 10.75
N VAL B 32 -12.40 33.66 12.02
CA VAL B 32 -12.61 34.99 12.62
C VAL B 32 -11.41 35.45 13.43
N ASP B 33 -11.34 36.75 13.65
CA ASP B 33 -10.43 37.30 14.65
C ASP B 33 -11.05 37.14 16.04
N ILE B 34 -10.28 36.57 16.96
CA ILE B 34 -10.71 36.54 18.34
C ILE B 34 -10.13 37.75 19.11
N LYS B 35 -10.99 38.75 19.34
CA LYS B 35 -10.64 39.92 20.16
C LYS B 35 -10.84 39.55 21.64
N THR B 36 -9.73 39.35 22.35
CA THR B 36 -9.76 38.78 23.70
C THR B 36 -10.50 39.60 24.76
N SER B 37 -10.48 40.92 24.61
CA SER B 37 -11.25 41.78 25.51
C SER B 37 -12.76 41.69 25.29
N GLU B 38 -13.17 41.25 24.10
CA GLU B 38 -14.60 41.02 23.76
C GLU B 38 -15.16 39.62 24.08
N THR B 39 -14.28 38.70 24.49
CA THR B 39 -14.70 37.32 24.79
C THR B 39 -15.41 37.24 26.12
N LYS B 40 -16.41 36.37 26.18
CA LYS B 40 -17.21 36.19 27.39
C LYS B 40 -16.92 34.82 28.00
N HIS B 41 -16.58 34.80 29.28
CA HIS B 41 -16.49 33.54 30.01
C HIS B 41 -17.87 32.93 30.25
N ASP B 42 -18.01 31.68 29.83
CA ASP B 42 -19.23 30.90 29.99
C ASP B 42 -18.96 29.74 30.96
N THR B 43 -19.61 29.81 32.12
CA THR B 43 -19.46 28.83 33.20
C THR B 43 -19.96 27.42 32.86
N SER B 44 -20.77 27.30 31.81
CA SER B 44 -21.33 26.01 31.40
C SER B 44 -20.40 25.18 30.48
N LEU B 45 -19.23 25.74 30.16
CA LEU B 45 -18.25 25.07 29.30
C LEU B 45 -17.41 24.12 30.11
N LYS B 46 -17.62 22.83 29.87
CA LYS B 46 -16.85 21.77 30.52
C LYS B 46 -15.46 21.73 29.90
N PRO B 47 -14.48 21.08 30.57
CA PRO B 47 -13.21 20.87 29.83
C PRO B 47 -13.43 20.02 28.56
N ILE B 48 -12.61 20.23 27.54
CA ILE B 48 -12.58 19.40 26.32
CA ILE B 48 -12.68 19.34 26.38
C ILE B 48 -11.85 18.09 26.66
N SER B 49 -12.45 16.94 26.38
CA SER B 49 -11.74 15.67 26.52
C SER B 49 -11.74 14.95 25.19
N VAL B 50 -10.55 14.60 24.72
CA VAL B 50 -10.42 13.81 23.50
C VAL B 50 -9.87 12.42 23.82
N SER B 51 -10.52 11.39 23.29
CA SER B 51 -10.00 10.04 23.40
C SER B 51 -9.98 9.43 22.01
N TYR B 52 -8.79 9.39 21.43
CA TYR B 52 -8.61 8.85 20.09
C TYR B 52 -7.81 7.56 20.11
N ASN B 53 -8.30 6.58 19.36
CA ASN B 53 -7.64 5.30 19.15
C ASN B 53 -6.71 5.42 17.94
N PRO B 54 -5.39 5.16 18.12
CA PRO B 54 -4.51 5.29 16.93
C PRO B 54 -4.82 4.31 15.78
N ALA B 55 -5.56 3.22 16.08
CA ALA B 55 -6.01 2.24 15.07
C ALA B 55 -7.06 2.80 14.07
N THR B 56 -7.69 3.92 14.40
CA THR B 56 -8.68 4.52 13.52
C THR B 56 -8.07 5.31 12.36
N ALA B 57 -6.78 5.66 12.47
CA ALA B 57 -6.05 6.33 11.39
C ALA B 57 -6.08 5.46 10.14
N LYS B 58 -6.35 6.08 8.98
CA LYS B 58 -6.60 5.31 7.77
C LYS B 58 -5.76 5.71 6.57
N GLU B 59 -5.85 6.98 6.19
CA GLU B 59 -5.41 7.40 4.87
C GLU B 59 -4.97 8.85 4.85
N ILE B 60 -3.97 9.15 4.05
CA ILE B 60 -3.50 10.51 3.78
C ILE B 60 -3.74 10.71 2.28
N ILE B 61 -4.28 11.88 1.92
CA ILE B 61 -4.68 12.16 0.54
CA ILE B 61 -4.73 12.17 0.54
C ILE B 61 -4.36 13.60 0.16
N ASN B 62 -3.80 13.77 -1.04
CA ASN B 62 -3.54 15.09 -1.59
C ASN B 62 -4.82 15.52 -2.30
N VAL B 63 -5.42 16.60 -1.81
CA VAL B 63 -6.72 17.06 -2.31
C VAL B 63 -6.63 18.29 -3.21
N GLY B 64 -5.41 18.58 -3.69
CA GLY B 64 -5.18 19.72 -4.58
C GLY B 64 -4.89 20.99 -3.84
N HIS B 65 -5.85 21.46 -3.05
CA HIS B 65 -5.69 22.67 -2.24
C HIS B 65 -5.01 22.41 -0.89
N SER B 66 -4.99 21.15 -0.45
CA SER B 66 -4.40 20.77 0.84
C SER B 66 -4.11 19.28 0.87
N PHE B 67 -3.82 18.74 2.06
CA PHE B 67 -3.78 17.31 2.21
C PHE B 67 -4.55 16.94 3.47
N HIS B 68 -5.20 15.78 3.41
CA HIS B 68 -6.03 15.34 4.51
C HIS B 68 -5.50 14.05 5.10
N VAL B 69 -5.54 13.94 6.43
CA VAL B 69 -5.36 12.64 7.11
C VAL B 69 -6.72 12.19 7.64
N ASN B 70 -7.24 11.11 7.05
CA ASN B 70 -8.58 10.64 7.29
C ASN B 70 -8.60 9.43 8.21
N PHE B 71 -9.66 9.34 9.01
CA PHE B 71 -9.79 8.31 10.04
C PHE B 71 -11.01 7.44 9.76
N GLU B 72 -10.94 6.16 10.16
CA GLU B 72 -12.10 5.28 10.13
C GLU B 72 -13.14 5.82 11.11
N ASP B 73 -14.35 6.06 10.62
CA ASP B 73 -15.42 6.66 11.39
C ASP B 73 -16.71 5.82 11.43
N ASN B 74 -16.54 4.51 11.37
CA ASN B 74 -17.68 3.57 11.44
C ASN B 74 -18.22 3.37 12.88
N ASP B 75 -17.45 3.79 13.88
CA ASP B 75 -17.84 3.66 15.28
C ASP B 75 -17.31 4.83 16.15
N ASN B 76 -17.49 4.73 17.46
CA ASN B 76 -17.10 5.79 18.39
C ASN B 76 -15.83 5.46 19.18
N ARG B 77 -14.87 4.83 18.52
CA ARG B 77 -13.54 4.61 19.11
C ARG B 77 -12.75 5.90 19.34
N SER B 78 -13.00 6.93 18.51
CA SER B 78 -12.21 8.17 18.54
C SER B 78 -13.16 9.36 18.60
N VAL B 79 -13.24 9.95 19.80
CA VAL B 79 -14.30 10.92 20.10
C VAL B 79 -13.85 12.19 20.83
N LEU B 80 -14.53 13.27 20.50
CA LEU B 80 -14.43 14.55 21.21
C LEU B 80 -15.68 14.74 22.08
N LYS B 81 -15.45 14.95 23.37
CA LYS B 81 -16.52 15.22 24.35
C LYS B 81 -16.25 16.55 25.09
N GLY B 82 -17.27 17.02 25.82
CA GLY B 82 -17.09 18.12 26.78
C GLY B 82 -17.28 19.45 26.10
N GLY B 83 -16.62 20.48 26.62
CA GLY B 83 -16.75 21.84 26.07
C GLY B 83 -18.20 22.27 25.99
N PRO B 84 -18.63 22.77 24.82
CA PRO B 84 -20.02 23.19 24.64
C PRO B 84 -20.98 22.04 24.29
N PHE B 85 -20.46 20.82 24.20
CA PHE B 85 -21.23 19.69 23.65
C PHE B 85 -21.88 18.83 24.70
N SER B 86 -23.18 18.55 24.50
CA SER B 86 -23.86 17.47 25.22
C SER B 86 -23.59 16.13 24.53
N ASP B 87 -23.49 16.18 23.20
CA ASP B 87 -23.21 15.04 22.33
C ASP B 87 -21.74 14.63 22.34
N SER B 88 -21.49 13.37 21.98
CA SER B 88 -20.18 12.93 21.56
C SER B 88 -19.98 13.29 20.07
N TYR B 89 -18.75 13.61 19.69
CA TYR B 89 -18.44 13.83 18.28
C TYR B 89 -17.35 12.88 17.83
N ARG B 90 -17.47 12.40 16.60
CA ARG B 90 -16.59 11.37 16.05
C ARG B 90 -15.52 11.96 15.14
N LEU B 91 -14.25 11.66 15.46
CA LEU B 91 -13.10 12.06 14.66
C LEU B 91 -13.12 11.45 13.26
N PHE B 92 -12.94 12.31 12.26
CA PHE B 92 -12.81 11.83 10.87
C PHE B 92 -11.58 12.31 10.12
N GLN B 93 -11.01 13.45 10.55
CA GLN B 93 -9.94 14.10 9.79
C GLN B 93 -9.09 15.08 10.59
N PHE B 94 -7.82 15.18 10.21
CA PHE B 94 -7.07 16.40 10.46
C PHE B 94 -6.32 16.86 9.22
N HIS B 95 -6.08 18.15 9.18
CA HIS B 95 -5.33 18.80 8.12
C HIS B 95 -4.78 20.12 8.66
N PHE B 96 -3.99 20.80 7.83
CA PHE B 96 -3.34 22.04 8.21
C PHE B 96 -3.70 23.12 7.23
N HIS B 97 -3.55 24.37 7.65
CA HIS B 97 -3.48 25.50 6.74
C HIS B 97 -2.17 26.22 6.95
N TRP B 98 -1.66 26.83 5.88
CA TRP B 98 -0.43 27.63 5.95
C TRP B 98 -0.50 28.79 4.94
N GLY B 99 0.52 29.64 4.98
CA GLY B 99 0.66 30.77 4.05
C GLY B 99 1.92 30.71 3.18
N SER B 100 2.04 31.69 2.29
CA SER B 100 3.22 31.89 1.41
C SER B 100 4.50 32.11 2.21
N THR B 101 4.40 32.91 3.27
CA THR B 101 5.47 33.18 4.22
C THR B 101 5.12 32.62 5.59
N ASN B 102 6.08 32.69 6.51
CA ASN B 102 5.87 32.34 7.92
C ASN B 102 5.11 33.43 8.71
N GLU B 103 4.93 34.60 8.11
CA GLU B 103 4.36 35.77 8.79
C GLU B 103 2.83 35.80 8.82
N HIS B 104 2.21 34.98 7.98
CA HIS B 104 0.77 35.04 7.77
C HIS B 104 0.30 33.73 7.16
N GLY B 105 0.00 32.76 8.01
CA GLY B 105 -0.43 31.45 7.54
C GLY B 105 -1.60 30.81 8.24
N SER B 106 -1.89 31.24 9.48
CA SER B 106 -3.02 30.71 10.24
C SER B 106 -4.34 31.22 9.63
N GLU B 107 -5.45 30.61 10.02
CA GLU B 107 -6.75 31.09 9.58
C GLU B 107 -7.33 32.01 10.62
N HIS B 108 -7.53 31.51 11.83
CA HIS B 108 -7.94 32.35 12.93
C HIS B 108 -6.79 33.28 13.34
N THR B 109 -7.16 34.43 13.89
CA THR B 109 -6.16 35.34 14.44
C THR B 109 -6.61 35.69 15.84
N VAL B 110 -5.68 36.11 16.70
CA VAL B 110 -5.98 36.50 18.09
C VAL B 110 -5.52 37.94 18.32
N ASP B 111 -6.47 38.83 18.63
CA ASP B 111 -6.25 40.28 18.73
C ASP B 111 -5.47 40.80 17.52
N GLY B 112 -5.95 40.48 16.31
CA GLY B 112 -5.28 40.85 15.07
C GLY B 112 -4.02 40.08 14.69
N VAL B 113 -3.43 39.33 15.63
CA VAL B 113 -2.15 38.64 15.38
C VAL B 113 -2.35 37.36 14.56
N LYS B 114 -1.69 37.31 13.41
CA LYS B 114 -1.72 36.20 12.50
C LYS B 114 -0.58 35.25 12.86
N TYR B 115 -0.86 33.94 12.91
CA TYR B 115 0.18 32.93 13.16
C TYR B 115 0.71 32.33 11.86
N SER B 116 1.63 31.37 11.96
CA SER B 116 2.31 30.79 10.79
C SER B 116 1.49 29.69 10.11
N ALA B 117 0.69 28.97 10.89
CA ALA B 117 -0.08 27.86 10.36
C ALA B 117 -1.17 27.53 11.34
N GLU B 118 -2.03 26.59 10.97
CA GLU B 118 -3.15 26.20 11.81
C GLU B 118 -3.44 24.73 11.59
N LEU B 119 -3.59 24.03 12.69
CA LEU B 119 -4.02 22.63 12.63
C LEU B 119 -5.53 22.60 12.86
N HIS B 120 -6.25 21.87 12.02
CA HIS B 120 -7.66 21.58 12.22
C HIS B 120 -7.89 20.08 12.45
N VAL B 121 -8.52 19.74 13.57
CA VAL B 121 -8.95 18.38 13.87
C VAL B 121 -10.48 18.33 13.85
N ALA B 122 -11.03 17.60 12.88
CA ALA B 122 -12.48 17.64 12.62
C ALA B 122 -13.25 16.39 13.05
N HIS B 123 -14.46 16.64 13.56
CA HIS B 123 -15.34 15.61 14.13
C HIS B 123 -16.76 15.86 13.65
N TRP B 124 -17.56 14.80 13.58
CA TRP B 124 -18.99 14.95 13.22
C TRP B 124 -19.92 14.37 14.29
N ASN B 125 -21.14 14.90 14.35
CA ASN B 125 -22.09 14.55 15.40
C ASN B 125 -22.66 13.13 15.24
N SER B 126 -22.00 12.13 15.83
CA SER B 126 -22.47 10.75 15.71
C SER B 126 -23.65 10.42 16.63
N ALA B 127 -23.93 11.31 17.59
CA ALA B 127 -25.07 11.15 18.48
C ALA B 127 -26.39 11.46 17.77
N LYS B 128 -26.42 12.50 16.94
CA LYS B 128 -27.63 12.93 16.24
C LYS B 128 -27.74 12.41 14.81
N TYR B 129 -26.59 12.11 14.19
CA TYR B 129 -26.56 11.72 12.79
C TYR B 129 -25.88 10.38 12.53
N SER B 130 -25.98 9.91 11.30
CA SER B 130 -25.57 8.56 10.90
C SER B 130 -24.29 8.53 10.09
N SER B 131 -24.05 9.60 9.32
CA SER B 131 -22.86 9.75 8.47
C SER B 131 -22.31 11.18 8.48
N LEU B 132 -21.05 11.32 8.08
CA LEU B 132 -20.44 12.63 7.85
C LEU B 132 -21.25 13.42 6.81
N ALA B 133 -21.60 12.77 5.70
CA ALA B 133 -22.39 13.39 4.63
C ALA B 133 -23.67 14.06 5.13
N GLU B 134 -24.36 13.37 6.05
CA GLU B 134 -25.58 13.89 6.67
C GLU B 134 -25.29 15.04 7.64
N ALA B 135 -24.28 14.86 8.49
CA ALA B 135 -23.91 15.83 9.51
C ALA B 135 -23.29 17.11 8.97
N ALA B 136 -22.57 17.01 7.84
CA ALA B 136 -21.74 18.10 7.32
C ALA B 136 -22.51 19.40 7.04
N SER B 137 -23.83 19.26 6.89
CA SER B 137 -24.71 20.39 6.56
C SER B 137 -25.57 20.83 7.73
N LYS B 138 -25.49 20.12 8.85
CA LYS B 138 -26.32 20.45 10.02
C LYS B 138 -25.60 21.45 10.89
N ALA B 139 -26.35 22.43 11.42
CA ALA B 139 -25.76 23.52 12.22
C ALA B 139 -24.97 23.02 13.43
N ASP B 140 -25.44 21.93 14.02
CA ASP B 140 -24.75 21.22 15.11
C ASP B 140 -24.00 19.96 14.60
N GLY B 141 -23.62 19.99 13.32
CA GLY B 141 -23.09 18.81 12.63
C GLY B 141 -21.61 18.50 12.86
N LEU B 142 -20.78 19.55 12.85
CA LEU B 142 -19.33 19.38 12.94
C LEU B 142 -18.71 20.15 14.10
N ALA B 143 -17.68 19.56 14.67
CA ALA B 143 -16.88 20.22 15.69
C ALA B 143 -15.41 20.15 15.29
N VAL B 144 -14.81 21.32 15.08
CA VAL B 144 -13.42 21.42 14.67
C VAL B 144 -12.57 22.12 15.72
N ILE B 145 -11.52 21.41 16.17
CA ILE B 145 -10.50 21.99 17.04
C ILE B 145 -9.46 22.70 16.18
N GLY B 146 -9.20 23.96 16.49
CA GLY B 146 -8.15 24.72 15.82
C GLY B 146 -6.98 24.95 16.77
N VAL B 147 -5.77 24.66 16.29
CA VAL B 147 -4.55 24.93 17.04
C VAL B 147 -3.65 25.82 16.21
N LEU B 148 -3.33 26.99 16.75
CA LEU B 148 -2.43 27.94 16.12
C LEU B 148 -0.98 27.44 16.20
N MET B 149 -0.25 27.63 15.11
CA MET B 149 1.10 27.14 14.97
C MET B 149 2.04 28.32 14.80
N LYS B 150 3.04 28.36 15.67
CA LYS B 150 3.99 29.47 15.76
C LYS B 150 5.36 29.00 15.28
N VAL B 151 5.87 29.65 14.24
CA VAL B 151 7.21 29.37 13.69
C VAL B 151 8.29 29.55 14.80
N GLY B 152 9.11 28.51 14.96
CA GLY B 152 10.16 28.47 15.97
C GLY B 152 10.91 27.14 15.84
N GLU B 153 10.94 26.37 16.94
CA GLU B 153 11.51 25.03 16.99
C GLU B 153 10.80 24.07 16.07
N ALA B 154 11.53 23.08 15.56
CA ALA B 154 10.94 21.95 14.85
C ALA B 154 10.03 21.20 15.80
N ASN B 155 8.88 20.76 15.28
CA ASN B 155 7.91 20.05 16.07
C ASN B 155 8.08 18.56 15.79
N PRO B 156 8.66 17.80 16.73
CA PRO B 156 8.86 16.36 16.49
C PRO B 156 7.57 15.60 16.20
N LYS B 157 6.45 15.99 16.82
CA LYS B 157 5.16 15.28 16.67
C LYS B 157 4.60 15.31 15.26
N LEU B 158 4.99 16.34 14.50
CA LEU B 158 4.66 16.49 13.09
C LEU B 158 5.38 15.53 12.16
N GLN B 159 6.32 14.76 12.70
CA GLN B 159 7.31 13.96 11.94
C GLN B 159 6.69 12.98 10.96
N LYS B 160 5.84 12.09 11.48
CA LYS B 160 5.19 11.06 10.69
C LYS B 160 4.34 11.65 9.57
N VAL B 161 3.71 12.79 9.83
CA VAL B 161 2.84 13.43 8.83
C VAL B 161 3.70 13.93 7.67
N LEU B 162 4.80 14.60 7.98
CA LEU B 162 5.66 15.20 6.96
C LEU B 162 6.42 14.15 6.13
N ASP B 163 6.75 13.02 6.78
CA ASP B 163 7.36 11.86 6.13
C ASP B 163 6.42 11.18 5.14
N ALA B 164 5.13 11.20 5.44
CA ALA B 164 4.11 10.60 4.59
C ALA B 164 3.86 11.39 3.30
N LEU B 165 4.24 12.68 3.28
CA LEU B 165 3.97 13.56 2.13
C LEU B 165 4.63 13.16 0.80
N GLN B 166 5.79 12.52 0.86
CA GLN B 166 6.48 12.09 -0.36
C GLN B 166 5.72 11.03 -1.16
N ALA B 167 4.78 10.34 -0.52
CA ALA B 167 3.96 9.31 -1.17
C ALA B 167 2.69 9.90 -1.80
N ILE B 168 2.41 11.18 -1.54
CA ILE B 168 1.19 11.84 -2.00
C ILE B 168 1.48 13.22 -2.61
N LYS B 169 2.51 13.27 -3.45
CA LYS B 169 3.05 14.55 -3.98
C LYS B 169 2.08 15.37 -4.80
N THR B 170 1.28 14.68 -5.61
CA THR B 170 0.37 15.32 -6.59
C THR B 170 -1.10 15.03 -6.30
N LYS B 171 -1.97 15.91 -6.79
CA LYS B 171 -3.42 15.84 -6.56
C LYS B 171 -4.01 14.46 -6.82
N GLY B 172 -4.80 13.97 -5.86
CA GLY B 172 -5.49 12.71 -6.01
C GLY B 172 -4.72 11.49 -5.54
N LYS B 173 -3.43 11.64 -5.28
CA LYS B 173 -2.62 10.56 -4.72
C LYS B 173 -2.99 10.33 -3.25
N ARG B 174 -3.00 9.05 -2.86
CA ARG B 174 -3.37 8.64 -1.52
CA ARG B 174 -3.40 8.62 -1.52
C ARG B 174 -2.55 7.44 -1.06
N ALA B 175 -2.37 7.31 0.25
CA ALA B 175 -1.60 6.22 0.83
C ALA B 175 -2.17 5.78 2.18
N PRO B 176 -1.95 4.51 2.58
CA PRO B 176 -2.24 4.16 3.96
C PRO B 176 -1.50 5.08 4.93
N PHE B 177 -2.19 5.48 5.99
CA PHE B 177 -1.60 6.28 7.06
C PHE B 177 -2.26 5.72 8.31
N THR B 178 -1.51 4.91 9.05
CA THR B 178 -2.09 4.11 10.12
C THR B 178 -1.38 4.33 11.45
N ASN B 179 -2.07 3.95 12.52
CA ASN B 179 -1.48 3.91 13.86
C ASN B 179 -0.93 5.29 14.28
N PHE B 180 -1.86 6.25 14.37
CA PHE B 180 -1.57 7.62 14.76
C PHE B 180 -2.72 8.17 15.59
N ASP B 181 -2.37 8.72 16.75
CA ASP B 181 -3.28 9.42 17.66
C ASP B 181 -3.00 10.93 17.47
N PRO B 182 -3.93 11.65 16.82
CA PRO B 182 -3.61 13.08 16.54
C PRO B 182 -3.76 14.01 17.75
N SER B 183 -4.22 13.49 18.89
CA SER B 183 -4.20 14.28 20.13
C SER B 183 -2.77 14.58 20.59
N THR B 184 -1.80 13.78 20.16
CA THR B 184 -0.38 14.07 20.36
C THR B 184 0.08 15.39 19.69
N LEU B 185 -0.74 15.95 18.81
CA LEU B 185 -0.46 17.25 18.17
C LEU B 185 -1.03 18.44 18.92
N LEU B 186 -1.94 18.18 19.85
CA LEU B 186 -2.60 19.22 20.66
CA LEU B 186 -2.59 19.21 20.66
C LEU B 186 -1.64 19.81 21.69
N PRO B 187 -1.84 21.11 22.06
CA PRO B 187 -0.97 21.63 23.13
C PRO B 187 -1.35 20.99 24.47
N SER B 188 -0.49 21.06 25.47
CA SER B 188 -0.74 20.32 26.73
C SER B 188 -1.96 20.87 27.49
N SER B 189 -2.13 22.18 27.46
CA SER B 189 -3.32 22.81 27.98
C SER B 189 -4.39 22.98 26.91
N LEU B 190 -5.61 22.60 27.28
CA LEU B 190 -6.76 22.66 26.39
C LEU B 190 -7.76 23.76 26.77
N ASP B 191 -7.29 24.87 27.35
CA ASP B 191 -8.13 26.07 27.47
C ASP B 191 -8.48 26.48 26.07
N PHE B 192 -9.70 26.96 25.87
CA PHE B 192 -10.18 27.26 24.53
C PHE B 192 -11.17 28.39 24.46
N TRP B 193 -11.33 28.91 23.24
CA TRP B 193 -12.44 29.76 22.85
C TRP B 193 -13.40 28.94 22.00
N THR B 194 -14.69 29.27 22.05
CA THR B 194 -15.64 28.66 21.16
C THR B 194 -16.63 29.66 20.55
N TYR B 195 -17.01 29.37 19.31
CA TYR B 195 -18.00 30.18 18.61
C TYR B 195 -18.61 29.34 17.49
N PRO B 196 -19.86 29.69 17.07
CA PRO B 196 -20.49 29.01 15.95
C PRO B 196 -20.01 29.56 14.63
N GLY B 197 -19.59 28.67 13.74
CA GLY B 197 -18.95 29.08 12.51
C GLY B 197 -19.21 28.17 11.34
N SER B 198 -18.27 28.19 10.41
CA SER B 198 -18.42 27.51 9.15
C SER B 198 -17.17 26.72 8.77
N LEU B 199 -17.29 25.96 7.69
CA LEU B 199 -16.13 25.43 6.98
C LEU B 199 -15.42 26.63 6.36
N THR B 200 -14.09 26.56 6.32
CA THR B 200 -13.28 27.71 5.88
C THR B 200 -12.95 27.70 4.39
N HIS B 201 -13.40 26.67 3.70
CA HIS B 201 -13.33 26.63 2.26
C HIS B 201 -14.63 26.02 1.71
N PRO B 202 -14.92 26.19 0.39
CA PRO B 202 -16.10 25.59 -0.25
C PRO B 202 -16.27 24.11 0.11
N PRO B 203 -17.48 23.66 0.49
CA PRO B 203 -18.75 24.39 0.31
C PRO B 203 -19.17 25.40 1.41
N LEU B 204 -18.29 25.69 2.36
CA LEU B 204 -18.50 26.77 3.35
C LEU B 204 -19.76 26.61 4.21
N TYR B 205 -20.20 25.36 4.39
CA TYR B 205 -21.32 25.01 5.26
C TYR B 205 -21.16 25.64 6.65
N GLU B 206 -22.25 26.19 7.18
CA GLU B 206 -22.24 26.84 8.48
C GLU B 206 -22.62 25.83 9.55
N SER B 207 -21.77 24.83 9.69
CA SER B 207 -22.07 23.60 10.41
C SER B 207 -21.14 23.31 11.57
N VAL B 208 -20.23 24.24 11.84
CA VAL B 208 -19.08 23.98 12.71
C VAL B 208 -19.16 24.75 14.02
N THR B 209 -19.10 24.01 15.11
CA THR B 209 -18.72 24.57 16.38
C THR B 209 -17.18 24.57 16.46
N TRP B 210 -16.59 25.76 16.40
CA TRP B 210 -15.15 25.92 16.54
C TRP B 210 -14.66 25.82 17.97
N ILE B 211 -13.58 25.07 18.17
CA ILE B 211 -12.85 25.05 19.44
C ILE B 211 -11.40 25.50 19.17
N ILE B 212 -11.10 26.76 19.51
CA ILE B 212 -9.78 27.35 19.26
C ILE B 212 -8.98 27.27 20.56
N CYS B 213 -7.87 26.53 20.54
CA CYS B 213 -7.03 26.44 21.73
C CYS B 213 -6.34 27.77 21.98
N LYS B 214 -6.25 28.13 23.26
CA LYS B 214 -5.54 29.31 23.72
C LYS B 214 -4.01 29.15 23.46
N GLU B 215 -3.49 27.97 23.81
CA GLU B 215 -2.07 27.66 23.63
CA GLU B 215 -2.07 27.65 23.64
C GLU B 215 -1.75 27.31 22.17
N SER B 216 -0.64 27.84 21.67
CA SER B 216 -0.15 27.50 20.34
C SER B 216 0.82 26.31 20.39
N ILE B 217 1.08 25.68 19.25
CA ILE B 217 2.19 24.69 19.13
C ILE B 217 3.26 25.23 18.19
N SER B 218 4.45 24.62 18.24
CA SER B 218 5.58 25.04 17.39
CA SER B 218 5.54 25.08 17.38
C SER B 218 5.59 24.38 16.01
N VAL B 219 6.28 25.02 15.07
CA VAL B 219 6.56 24.49 13.74
C VAL B 219 7.84 25.21 13.26
N SER B 220 8.77 24.49 12.64
CA SER B 220 9.96 25.14 12.08
C SER B 220 9.69 25.65 10.66
N SER B 221 10.58 26.51 10.19
CA SER B 221 10.44 27.12 8.87
CA SER B 221 10.47 27.12 8.86
C SER B 221 10.61 26.08 7.76
N GLU B 222 11.40 25.03 8.05
CA GLU B 222 11.63 23.94 7.09
C GLU B 222 10.44 23.01 7.03
N GLN B 223 9.84 22.73 8.18
CA GLN B 223 8.62 21.93 8.23
C GLN B 223 7.50 22.61 7.45
N LEU B 224 7.43 23.94 7.53
CA LEU B 224 6.46 24.69 6.74
C LEU B 224 6.76 24.60 5.25
N ALA B 225 8.05 24.55 4.90
CA ALA B 225 8.45 24.44 3.51
C ALA B 225 8.06 23.08 2.91
N GLN B 226 8.06 22.05 3.76
CA GLN B 226 7.55 20.73 3.36
C GLN B 226 6.08 20.78 2.98
N PHE B 227 5.29 21.52 3.75
CA PHE B 227 3.87 21.74 3.43
C PHE B 227 3.78 22.36 2.04
N ARG B 228 4.55 23.42 1.82
CA ARG B 228 4.53 24.16 0.56
C ARG B 228 5.09 23.39 -0.62
N SER B 229 5.77 22.27 -0.36
CA SER B 229 6.37 21.45 -1.42
CA SER B 229 6.38 21.46 -1.41
C SER B 229 5.37 20.46 -2.01
N LEU B 230 4.20 20.35 -1.38
CA LEU B 230 3.13 19.56 -1.96
C LEU B 230 2.62 20.24 -3.22
N LEU B 231 2.25 19.41 -4.20
CA LEU B 231 1.84 19.89 -5.52
C LEU B 231 0.32 19.89 -5.70
N SER B 232 -0.21 20.99 -6.24
CA SER B 232 -1.66 21.15 -6.48
C SER B 232 -2.15 20.44 -7.77
N ASN B 233 -1.20 20.05 -8.63
CA ASN B 233 -1.46 19.48 -9.95
C ASN B 233 -1.51 17.96 -9.93
N VAL B 234 -2.06 17.40 -11.01
CA VAL B 234 -2.08 15.94 -11.19
C VAL B 234 -0.72 15.48 -11.71
N GLU B 235 -0.37 14.23 -11.40
CA GLU B 235 0.87 13.60 -11.83
C GLU B 235 1.11 13.76 -13.32
N GLY B 236 2.27 14.30 -13.67
CA GLY B 236 2.67 14.40 -15.07
C GLY B 236 2.54 15.80 -15.64
N ASP B 237 1.76 16.64 -14.98
CA ASP B 237 1.68 18.07 -15.32
C ASP B 237 2.83 18.83 -14.70
N ASN B 238 3.05 20.06 -15.16
CA ASN B 238 4.07 20.94 -14.59
C ASN B 238 3.71 21.22 -13.14
N ALA B 239 4.72 21.09 -12.29
CA ALA B 239 4.58 21.28 -10.85
C ALA B 239 4.12 22.68 -10.44
N VAL B 240 3.01 22.73 -9.72
CA VAL B 240 2.52 23.94 -9.06
C VAL B 240 2.51 23.67 -7.54
N PRO B 241 3.48 24.25 -6.79
CA PRO B 241 3.48 24.02 -5.34
C PRO B 241 2.28 24.67 -4.65
N MET B 242 1.80 24.01 -3.59
CA MET B 242 0.77 24.54 -2.69
C MET B 242 1.28 25.68 -1.81
N GLN B 243 1.31 26.89 -2.37
CA GLN B 243 1.87 28.06 -1.72
C GLN B 243 1.21 28.40 -0.38
N HIS B 244 -0.11 28.56 -0.42
CA HIS B 244 -0.92 29.02 0.71
C HIS B 244 -2.31 28.42 0.59
N ASN B 245 -3.03 28.32 1.71
CA ASN B 245 -4.41 27.83 1.68
C ASN B 245 -5.24 28.31 2.90
N ASN B 246 -4.93 29.51 3.36
CA ASN B 246 -5.64 30.15 4.47
CA ASN B 246 -5.66 30.13 4.47
C ASN B 246 -6.64 31.20 3.99
N ARG B 247 -7.86 31.16 4.53
CA ARG B 247 -8.89 32.13 4.22
C ARG B 247 -8.73 33.35 5.13
N PRO B 248 -8.89 34.59 4.60
CA PRO B 248 -8.96 35.75 5.52
C PRO B 248 -10.08 35.61 6.55
N THR B 249 -9.92 36.28 7.68
CA THR B 249 -10.94 36.32 8.73
C THR B 249 -12.20 37.03 8.27
N GLN B 250 -13.31 36.71 8.92
CA GLN B 250 -14.63 37.06 8.44
C GLN B 250 -15.41 37.84 9.50
N PRO B 251 -16.32 38.76 9.05
CA PRO B 251 -17.15 39.52 9.98
C PRO B 251 -17.86 38.60 10.98
N LEU B 252 -17.82 39.00 12.24
CA LEU B 252 -18.44 38.25 13.32
C LEU B 252 -19.97 38.33 13.27
N LYS B 253 -20.49 39.48 12.83
CA LYS B 253 -21.93 39.72 12.61
C LYS B 253 -22.74 39.47 13.89
N GLY B 254 -22.20 39.95 15.00
CA GLY B 254 -22.89 39.89 16.30
C GLY B 254 -22.68 38.62 17.10
N ARG B 255 -21.93 37.66 16.56
CA ARG B 255 -21.60 36.42 17.28
C ARG B 255 -20.72 36.73 18.49
N THR B 256 -20.87 35.90 19.51
CA THR B 256 -20.04 35.96 20.71
C THR B 256 -18.95 34.92 20.55
N VAL B 257 -17.73 35.28 20.92
CA VAL B 257 -16.68 34.29 21.12
C VAL B 257 -16.64 34.01 22.61
N ARG B 258 -16.93 32.77 23.01
CA ARG B 258 -16.92 32.40 24.43
C ARG B 258 -15.57 31.83 24.83
N ALA B 259 -15.16 32.04 26.08
CA ALA B 259 -13.93 31.46 26.64
C ALA B 259 -14.22 30.45 27.74
N SER B 260 -13.42 29.39 27.80
CA SER B 260 -13.53 28.36 28.85
C SER B 260 -12.77 28.77 30.09
N PHE B 261 -11.91 29.78 29.94
CA PHE B 261 -10.90 30.15 30.91
C PHE B 261 -10.99 31.61 31.35
ZN ZN C . 7.59 -22.07 -13.20
C3 D3B D . 3.85 -26.32 -13.05
C4 D3B D . 4.04 -25.01 -12.64
C5 D3B D . 4.34 -24.03 -13.57
C6 D3B D . 4.43 -24.34 -14.93
C7 D3B D . 0.89 -26.68 -17.57
C8 D3B D . 0.59 -26.59 -18.94
N20 D3B D . 2.12 -26.17 -17.07
C22 D3B D . 3.38 -26.41 -17.56
O23 D3B D . 3.60 -26.87 -18.68
N24 D3B D . 4.38 -26.06 -16.69
C1 D3B D . 4.25 -25.66 -15.34
C2 D3B D . 3.95 -26.66 -14.39
C9 D3B D . -0.61 -27.06 -19.45
C10 D3B D . -1.53 -27.60 -18.57
C11 D3B D . -1.25 -27.69 -17.21
C12 D3B D . -0.04 -27.25 -16.68
O1 D3B D . 3.45 -27.84 -14.85
S2 D3B D . 4.69 -22.38 -13.03
O3 D3B D . 5.24 -22.48 -11.73
O4 D3B D . 3.51 -21.60 -13.23
N5 D3B D . 5.83 -21.76 -13.98
C13 D3B D . 0.26 -27.44 -15.21
C14 D3B D . -0.89 -27.01 -20.93
C1 GOL E . 3.56 -32.00 -17.03
O1 GOL E . 2.65 -33.10 -16.86
C2 GOL E . 2.84 -30.77 -17.58
O2 GOL E . 3.28 -29.57 -16.91
C3 GOL E . 3.14 -30.64 -19.07
O3 GOL E . 2.17 -29.77 -19.66
C1 GOL F . 23.69 -17.89 -23.32
O1 GOL F . 23.83 -17.94 -24.74
C2 GOL F . 24.26 -16.58 -22.75
O2 GOL F . 23.18 -15.66 -22.51
C3 GOL F . 25.08 -16.74 -21.45
O3 GOL F . 25.17 -18.07 -20.92
ZN ZN G . -9.26 23.62 7.87
C3 D3B H . -13.20 19.46 7.83
C4 D3B H . -12.93 20.74 8.29
C5 D3B H . -12.54 21.73 7.40
C6 D3B H . -12.42 21.45 6.04
C7 D3B H . -15.83 18.81 3.19
C8 D3B H . -16.10 18.91 1.82
N20 D3B H . -14.71 19.44 3.77
C22 D3B H . -13.42 19.49 3.27
O23 D3B H . -13.13 19.28 2.10
N24 D3B H . -12.47 19.78 4.23
C1 D3B H . -12.67 20.16 5.58
C2 D3B H . -13.08 19.16 6.48
C9 D3B H . -17.21 18.32 1.26
C10 D3B H . -18.08 17.62 2.09
C11 D3B H . -17.83 17.50 3.44
C12 D3B H . -16.71 18.08 4.03
O1 D3B H . -13.03 17.86 6.06
S2 D3B H . -12.15 23.34 7.99
O3 D3B H . -11.70 23.20 9.34
O4 D3B H . -13.28 24.18 7.72
N5 D3B H . -10.93 23.92 7.13
C13 D3B H . -16.46 17.94 5.52
C14 D3B H . -17.48 18.42 -0.23
C1 GOL I . -14.18 13.25 3.40
O1 GOL I . -13.18 12.70 4.28
C2 GOL I . -13.65 14.55 2.83
O2 GOL I . -14.23 14.82 1.54
C3 GOL I . -13.99 15.69 3.76
O3 GOL I . -12.88 16.60 3.77
C1 GOL J . -24.29 19.56 20.47
O1 GOL J . -24.08 18.82 21.68
C2 GOL J . -24.83 20.97 20.72
O2 GOL J . -25.35 21.09 22.05
C3 GOL J . -23.75 22.01 20.48
O3 GOL J . -24.10 22.86 19.39
C1 GOL K . -10.92 2.70 -2.08
O1 GOL K . -10.88 3.40 -0.83
C2 GOL K . -9.56 2.78 -2.75
O2 GOL K . -9.48 1.80 -3.78
C3 GOL K . -9.36 4.17 -3.36
O3 GOL K . -8.04 4.24 -3.90
#